data_3P2U
#
_entry.id   3P2U
#
_cell.length_a   110.761
_cell.length_b   75.285
_cell.length_c   82.423
_cell.angle_alpha   90.00
_cell.angle_beta   125.52
_cell.angle_gamma   90.00
#
_symmetry.space_group_name_H-M   'C 1 2 1'
#
loop_
_entity.id
_entity.type
_entity.pdbx_description
1 polymer 'Protein phnP'
2 non-polymer 'VANADATE ION'
3 non-polymer 'MANGANESE (II) ION'
4 non-polymer 'ZINC ION'
5 water water
#
_entity_poly.entity_id   1
_entity_poly.type   'polypeptide(L)'
_entity_poly.pdbx_seq_one_letter_code
;MSLTLTLTGTGGAQGVPAWGCECAACARARRSPQYRRQPCSGVVKFNDAITLIDAGLHDLADRWSPGSFQQFLLTHYHMD
HVQGLFPLRWGVGDPIPVYGPPDEQGCDDLFKHPGLLDFSHTVEPFVVFDLQGLQVTPLPLNHSKLTFGYLLETAHSRVA
WLSDTAGLPEKTLKFLRNNQPQVMVMDCSHPPRADAPRNHCDLNTVLALNQVIRSPRVILTHISHQFDAWLMENALPSGF
EVGFDGMEIGVAHHHHHH
;
_entity_poly.pdbx_strand_id   A,B
#
loop_
_chem_comp.id
_chem_comp.type
_chem_comp.name
_chem_comp.formula
MN non-polymer 'MANGANESE (II) ION' 'Mn 2'
VO4 non-polymer 'VANADATE ION' 'O4 V -3'
ZN non-polymer 'ZINC ION' 'Zn 2'
#
# COMPACT_ATOMS: atom_id res chain seq x y z
N SER A 2 -33.17 1.30 3.32
CA SER A 2 -32.49 0.14 3.84
C SER A 2 -31.05 0.53 4.18
N LEU A 3 -30.56 0.07 5.33
CA LEU A 3 -29.19 0.34 5.75
C LEU A 3 -28.47 -0.95 6.08
N THR A 4 -27.37 -1.21 5.39
N THR A 4 -27.36 -1.20 5.41
CA THR A 4 -26.54 -2.38 5.65
CA THR A 4 -26.59 -2.42 5.64
C THR A 4 -25.10 -1.90 5.81
C THR A 4 -25.10 -2.11 5.62
N LEU A 5 -24.32 -2.63 6.60
N LEU A 5 -24.40 -2.57 6.65
CA LEU A 5 -22.91 -2.33 6.85
CA LEU A 5 -22.96 -2.42 6.64
C LEU A 5 -22.10 -3.63 6.77
C LEU A 5 -22.29 -3.75 6.37
N THR A 6 -21.04 -3.65 5.96
CA THR A 6 -20.13 -4.79 5.87
C THR A 6 -18.83 -4.36 6.47
N LEU A 7 -18.29 -5.17 7.36
CA LEU A 7 -16.94 -4.94 7.85
C LEU A 7 -16.00 -5.65 6.90
N THR A 8 -15.29 -4.91 6.07
CA THR A 8 -14.41 -5.53 5.10
C THR A 8 -13.04 -5.87 5.70
N GLY A 9 -12.64 -5.14 6.74
CA GLY A 9 -11.41 -5.45 7.47
C GLY A 9 -11.66 -5.17 8.94
N THR A 10 -11.13 -6.04 9.78
CA THR A 10 -11.38 -5.96 11.22
C THR A 10 -10.09 -6.00 12.05
N GLY A 11 -8.95 -5.89 11.38
CA GLY A 11 -7.67 -5.85 12.06
C GLY A 11 -7.09 -4.46 12.17
N GLY A 12 -5.93 -4.37 12.82
CA GLY A 12 -5.17 -3.14 12.81
C GLY A 12 -4.08 -3.19 11.77
N ALA A 13 -3.16 -2.25 11.85
CA ALA A 13 -2.10 -2.14 10.87
C ALA A 13 -1.27 -3.43 10.71
N GLN A 14 -1.01 -4.08 11.84
CA GLN A 14 -0.21 -5.30 11.88
C GLN A 14 -0.92 -6.47 11.24
N GLY A 15 -2.24 -6.50 11.39
CA GLY A 15 -3.05 -7.57 10.83
C GLY A 15 -3.01 -8.85 11.63
N VAL A 16 -3.86 -9.80 11.23
CA VAL A 16 -3.79 -11.18 11.70
C VAL A 16 -3.82 -12.05 10.44
N PRO A 17 -2.80 -12.88 10.21
CA PRO A 17 -1.65 -13.06 11.09
C PRO A 17 -0.68 -11.88 11.01
N ALA A 18 -0.01 -11.61 12.12
CA ALA A 18 1.09 -10.66 12.13
C ALA A 18 2.27 -11.34 11.45
N TRP A 19 3.01 -10.59 10.65
CA TRP A 19 4.08 -11.20 9.84
C TRP A 19 5.09 -11.92 10.72
N GLY A 20 5.32 -13.19 10.43
CA GLY A 20 6.28 -13.98 11.18
C GLY A 20 5.81 -14.53 12.52
N CYS A 21 4.66 -14.08 13.00
CA CYS A 21 4.18 -14.54 14.31
C CYS A 21 3.56 -15.92 14.22
N GLU A 22 3.85 -16.76 15.21
CA GLU A 22 3.28 -18.09 15.27
C GLU A 22 2.49 -18.32 16.55
N CYS A 23 1.95 -17.24 17.11
CA CYS A 23 1.07 -17.39 18.26
C CYS A 23 -0.18 -18.16 17.84
N ALA A 24 -0.97 -18.59 18.82
CA ALA A 24 -2.15 -19.39 18.54
C ALA A 24 -3.08 -18.73 17.51
N ALA A 25 -3.28 -17.42 17.62
CA ALA A 25 -4.20 -16.73 16.70
C ALA A 25 -3.61 -16.63 15.30
N CYS A 26 -2.33 -16.27 15.21
CA CYS A 26 -1.70 -16.10 13.90
C CYS A 26 -1.52 -17.43 13.17
N ALA A 27 -1.09 -18.46 13.89
CA ALA A 27 -0.98 -19.78 13.27
C ALA A 27 -2.33 -20.25 12.75
N ARG A 28 -3.39 -20.05 13.53
CA ARG A 28 -4.72 -20.43 13.09
C ARG A 28 -5.12 -19.67 11.82
N ALA A 29 -4.82 -18.37 11.77
CA ALA A 29 -5.20 -17.56 10.60
C ALA A 29 -4.41 -17.95 9.35
N ARG A 30 -3.21 -18.47 9.53
CA ARG A 30 -2.46 -18.97 8.37
C ARG A 30 -3.07 -20.26 7.85
N ARG A 31 -3.54 -21.10 8.76
CA ARG A 31 -4.14 -22.37 8.39
C ARG A 31 -5.53 -22.20 7.77
N SER A 32 -6.32 -21.28 8.32
N SER A 32 -6.28 -21.23 8.29
CA SER A 32 -7.69 -21.05 7.86
CA SER A 32 -7.64 -21.01 7.85
C SER A 32 -7.94 -19.55 7.62
C SER A 32 -7.92 -19.53 7.62
N PRO A 33 -8.02 -19.14 6.34
CA PRO A 33 -8.20 -17.74 5.93
C PRO A 33 -9.40 -17.03 6.53
N GLN A 34 -10.43 -17.77 6.94
CA GLN A 34 -11.59 -17.18 7.57
C GLN A 34 -11.21 -16.39 8.81
N TYR A 35 -10.06 -16.68 9.41
CA TYR A 35 -9.64 -15.99 10.62
C TYR A 35 -8.70 -14.82 10.37
N ARG A 36 -8.37 -14.57 9.10
CA ARG A 36 -7.50 -13.45 8.77
C ARG A 36 -8.23 -12.13 9.02
N ARG A 37 -7.47 -11.10 9.37
CA ARG A 37 -8.00 -9.76 9.58
C ARG A 37 -7.20 -8.73 8.80
N GLN A 38 -7.86 -8.12 7.82
N GLN A 38 -7.85 -8.11 7.81
CA GLN A 38 -7.32 -7.04 7.01
CA GLN A 38 -7.27 -7.04 7.04
C GLN A 38 -7.57 -5.69 7.70
C GLN A 38 -7.59 -5.69 7.69
N PRO A 39 -6.95 -4.61 7.21
CA PRO A 39 -7.10 -3.31 7.85
C PRO A 39 -8.54 -2.83 8.02
N CYS A 40 -8.81 -2.27 9.20
CA CYS A 40 -10.13 -1.82 9.63
C CYS A 40 -10.81 -0.92 8.60
N SER A 41 -11.91 -1.41 8.03
CA SER A 41 -12.61 -0.71 6.97
C SER A 41 -13.99 -1.28 6.83
N GLY A 42 -14.88 -0.53 6.17
CA GLY A 42 -16.26 -0.96 6.04
C GLY A 42 -16.91 -0.45 4.78
N VAL A 43 -18.08 -1.00 4.49
N VAL A 43 -18.08 -1.00 4.47
CA VAL A 43 -18.89 -0.54 3.38
CA VAL A 43 -18.88 -0.50 3.34
C VAL A 43 -20.28 -0.28 3.95
C VAL A 43 -20.33 -0.34 3.78
N VAL A 44 -20.83 0.89 3.63
CA VAL A 44 -22.19 1.22 4.03
C VAL A 44 -23.05 1.31 2.79
N LYS A 45 -24.19 0.66 2.81
CA LYS A 45 -25.13 0.77 1.70
C LYS A 45 -26.46 1.30 2.23
N PHE A 46 -26.87 2.44 1.70
CA PHE A 46 -28.15 3.02 2.04
C PHE A 46 -28.93 3.05 0.74
N ASN A 47 -29.96 2.21 0.68
CA ASN A 47 -30.67 1.99 -0.60
C ASN A 47 -29.66 1.55 -1.66
N ASP A 48 -29.51 2.29 -2.75
CA ASP A 48 -28.53 1.91 -3.78
C ASP A 48 -27.15 2.55 -3.56
N ALA A 49 -27.06 3.49 -2.63
CA ALA A 49 -25.85 4.32 -2.45
C ALA A 49 -24.81 3.65 -1.57
N ILE A 50 -23.57 3.63 -2.05
CA ILE A 50 -22.49 2.93 -1.37
C ILE A 50 -21.39 3.89 -0.93
N THR A 51 -21.02 3.78 0.34
CA THR A 51 -19.93 4.55 0.93
C THR A 51 -18.86 3.58 1.42
N LEU A 52 -17.61 3.82 1.03
CA LEU A 52 -16.48 3.04 1.53
C LEU A 52 -15.88 3.78 2.73
N ILE A 53 -16.01 3.19 3.92
CA ILE A 53 -15.39 3.75 5.12
C ILE A 53 -13.96 3.24 5.23
N ASP A 54 -13.03 4.18 5.04
CA ASP A 54 -11.58 3.94 5.02
C ASP A 54 -11.16 3.07 3.83
N ALA A 55 -9.84 2.98 3.64
CA ALA A 55 -9.31 2.47 2.40
C ALA A 55 -8.00 1.77 2.64
N GLY A 56 -7.97 0.95 3.66
CA GLY A 56 -6.76 0.22 4.01
C GLY A 56 -6.56 -1.06 3.23
N LEU A 57 -7.61 -1.58 2.60
CA LEU A 57 -7.48 -2.79 1.78
C LEU A 57 -6.63 -2.51 0.55
N HIS A 58 -5.93 -3.52 0.07
N HIS A 58 -5.93 -3.53 0.07
CA HIS A 58 -5.01 -3.33 -1.05
CA HIS A 58 -5.02 -3.33 -1.05
C HIS A 58 -5.63 -3.74 -2.39
C HIS A 58 -5.62 -3.77 -2.38
N ASP A 59 -6.84 -4.29 -2.34
CA ASP A 59 -7.48 -4.80 -3.56
C ASP A 59 -8.79 -4.10 -3.91
N LEU A 60 -8.90 -2.83 -3.57
CA LEU A 60 -10.10 -2.06 -3.92
C LEU A 60 -10.31 -1.97 -5.43
N ALA A 61 -9.21 -1.87 -6.20
CA ALA A 61 -9.32 -1.79 -7.66
C ALA A 61 -9.91 -3.06 -8.25
N ASP A 62 -9.88 -4.14 -7.50
CA ASP A 62 -10.45 -5.41 -7.93
C ASP A 62 -11.87 -5.63 -7.43
N ARG A 63 -12.22 -4.96 -6.33
CA ARG A 63 -13.55 -5.10 -5.75
C ARG A 63 -14.55 -4.15 -6.40
N TRP A 64 -14.07 -3.01 -6.89
CA TRP A 64 -14.92 -1.92 -7.32
C TRP A 64 -14.39 -1.39 -8.64
N SER A 65 -15.29 -0.85 -9.46
CA SER A 65 -14.87 -0.08 -10.63
C SER A 65 -15.17 1.39 -10.38
N PRO A 66 -14.51 2.31 -11.10
CA PRO A 66 -14.83 3.72 -10.89
C PRO A 66 -16.32 3.97 -11.19
N GLY A 67 -17.00 4.65 -10.28
CA GLY A 67 -18.41 4.95 -10.46
C GLY A 67 -19.34 3.94 -9.80
N SER A 68 -18.80 2.82 -9.33
CA SER A 68 -19.62 1.75 -8.73
C SER A 68 -19.94 1.98 -7.24
N PHE A 69 -19.34 3.01 -6.65
CA PHE A 69 -19.70 3.47 -5.30
C PHE A 69 -19.71 4.99 -5.35
N GLN A 70 -20.32 5.62 -4.35
CA GLN A 70 -20.58 7.05 -4.41
C GLN A 70 -19.46 7.91 -3.78
N GLN A 71 -18.87 7.45 -2.68
CA GLN A 71 -17.83 8.22 -2.03
C GLN A 71 -17.03 7.37 -1.06
N PHE A 72 -15.82 7.85 -0.74
CA PHE A 72 -15.09 7.40 0.44
C PHE A 72 -15.46 8.28 1.63
N LEU A 73 -15.43 7.67 2.81
CA LEU A 73 -15.55 8.38 4.07
C LEU A 73 -14.39 7.94 4.92
N LEU A 74 -13.47 8.86 5.22
CA LEU A 74 -12.25 8.52 5.97
C LEU A 74 -12.35 8.93 7.42
N THR A 75 -11.84 8.07 8.28
CA THR A 75 -11.74 8.40 9.69
C THR A 75 -10.50 9.22 10.01
N HIS A 76 -9.37 8.90 9.35
CA HIS A 76 -8.11 9.60 9.57
C HIS A 76 -7.09 9.11 8.56
N TYR A 77 -5.93 9.76 8.56
CA TYR A 77 -4.95 9.58 7.50
C TYR A 77 -3.74 8.71 7.88
N HIS A 78 -3.86 7.91 8.93
CA HIS A 78 -2.85 6.87 9.15
C HIS A 78 -2.81 5.95 7.93
N MET A 79 -1.62 5.44 7.64
CA MET A 79 -1.42 4.66 6.43
C MET A 79 -2.35 3.47 6.29
N ASP A 80 -2.63 2.78 7.41
CA ASP A 80 -3.47 1.58 7.34
C ASP A 80 -4.94 1.90 7.07
N HIS A 81 -5.27 3.19 6.98
CA HIS A 81 -6.63 3.60 6.60
C HIS A 81 -6.71 4.28 5.24
N VAL A 82 -5.57 4.56 4.62
CA VAL A 82 -5.60 5.23 3.32
C VAL A 82 -4.69 4.59 2.26
N GLN A 83 -3.90 3.58 2.62
CA GLN A 83 -2.93 3.03 1.67
C GLN A 83 -3.58 2.53 0.36
N GLY A 84 -4.83 2.05 0.42
CA GLY A 84 -5.50 1.59 -0.79
C GLY A 84 -5.88 2.68 -1.78
N LEU A 85 -5.83 3.93 -1.35
CA LEU A 85 -6.14 5.03 -2.27
C LEU A 85 -5.02 5.27 -3.29
N PHE A 86 -3.80 4.91 -2.93
CA PHE A 86 -2.63 5.28 -3.76
C PHE A 86 -2.66 4.78 -5.19
N PRO A 87 -3.03 3.52 -5.42
CA PRO A 87 -3.10 3.15 -6.84
C PRO A 87 -4.41 3.59 -7.50
N LEU A 88 -5.51 3.65 -6.73
CA LEU A 88 -6.81 4.04 -7.28
C LEU A 88 -6.81 5.41 -7.91
N ARG A 89 -6.01 6.31 -7.34
CA ARG A 89 -6.06 7.71 -7.73
C ARG A 89 -5.68 7.92 -9.20
N TRP A 90 -4.92 6.98 -9.76
CA TRP A 90 -4.49 7.06 -11.16
C TRP A 90 -5.47 6.45 -12.15
N GLY A 91 -6.67 6.13 -11.69
CA GLY A 91 -7.64 5.51 -12.57
C GLY A 91 -8.28 6.41 -13.60
N VAL A 92 -9.12 5.80 -14.41
CA VAL A 92 -9.85 6.47 -15.48
C VAL A 92 -11.30 6.54 -15.05
N GLY A 93 -11.82 7.74 -14.89
CA GLY A 93 -13.20 7.89 -14.49
C GLY A 93 -13.49 9.28 -13.98
N ASP A 94 -14.71 9.48 -13.52
CA ASP A 94 -15.10 10.76 -12.95
C ASP A 94 -14.50 10.91 -11.56
N PRO A 95 -14.44 12.15 -11.04
CA PRO A 95 -13.93 12.37 -9.68
C PRO A 95 -14.70 11.59 -8.62
N ILE A 96 -13.96 11.14 -7.63
CA ILE A 96 -14.53 10.39 -6.51
C ILE A 96 -14.44 11.25 -5.26
N PRO A 97 -15.59 11.62 -4.69
CA PRO A 97 -15.56 12.43 -3.46
C PRO A 97 -14.94 11.67 -2.29
N VAL A 98 -14.06 12.33 -1.54
CA VAL A 98 -13.51 11.76 -0.32
C VAL A 98 -13.91 12.68 0.84
N TYR A 99 -14.79 12.18 1.71
CA TYR A 99 -15.23 12.93 2.89
C TYR A 99 -14.31 12.55 4.05
N GLY A 100 -13.98 13.49 4.92
CA GLY A 100 -13.13 13.14 6.04
C GLY A 100 -12.76 14.36 6.86
N PRO A 101 -11.91 14.17 7.87
CA PRO A 101 -11.54 15.29 8.73
C PRO A 101 -10.64 16.27 8.01
N PRO A 102 -10.63 17.54 8.47
CA PRO A 102 -9.81 18.56 7.82
C PRO A 102 -8.34 18.48 8.25
N ASP A 103 -7.77 17.32 8.02
CA ASP A 103 -6.34 17.11 8.25
C ASP A 103 -5.60 17.88 7.16
N GLU A 104 -4.75 18.81 7.54
CA GLU A 104 -4.16 19.70 6.54
C GLU A 104 -3.00 19.08 5.77
N GLN A 105 -2.49 17.94 6.24
N GLN A 105 -2.48 17.95 6.25
CA GLN A 105 -1.34 17.30 5.62
CA GLN A 105 -1.35 17.29 5.60
C GLN A 105 -1.69 16.05 4.80
C GLN A 105 -1.76 16.10 4.74
N GLY A 106 -2.71 15.32 5.22
CA GLY A 106 -3.10 14.10 4.54
C GLY A 106 -2.07 13.02 4.80
N CYS A 107 -1.74 12.27 3.76
CA CYS A 107 -0.78 11.20 3.88
C CYS A 107 0.09 11.21 2.63
N ASP A 108 1.41 11.28 2.82
CA ASP A 108 2.35 11.34 1.69
C ASP A 108 1.84 12.34 0.65
N ASP A 109 1.84 11.97 -0.64
CA ASP A 109 1.45 12.96 -1.64
C ASP A 109 0.01 12.88 -2.16
N LEU A 110 -0.89 12.33 -1.35
CA LEU A 110 -2.29 12.28 -1.77
C LEU A 110 -2.84 13.66 -2.12
N PHE A 111 -2.59 14.65 -1.26
CA PHE A 111 -3.22 15.95 -1.46
C PHE A 111 -2.61 16.69 -2.65
N LYS A 112 -1.29 16.59 -2.80
CA LYS A 112 -0.61 17.26 -3.92
C LYS A 112 -0.91 16.61 -5.27
N HIS A 113 -1.02 15.28 -5.28
CA HIS A 113 -1.32 14.55 -6.51
C HIS A 113 -2.53 13.62 -6.30
N PRO A 114 -3.73 14.21 -6.25
CA PRO A 114 -4.90 13.41 -5.89
C PRO A 114 -5.49 12.56 -7.02
N GLY A 115 -5.10 12.82 -8.26
CA GLY A 115 -5.66 12.05 -9.37
C GLY A 115 -7.16 12.26 -9.40
N LEU A 116 -7.92 11.18 -9.48
CA LEU A 116 -9.36 11.34 -9.50
C LEU A 116 -10.03 11.51 -8.13
N LEU A 117 -9.25 11.50 -7.05
CA LEU A 117 -9.81 11.67 -5.69
C LEU A 117 -10.03 13.13 -5.37
N ASP A 118 -11.21 13.46 -4.85
CA ASP A 118 -11.54 14.85 -4.50
C ASP A 118 -11.64 14.97 -2.96
N PHE A 119 -10.56 15.46 -2.35
CA PHE A 119 -10.45 15.57 -0.90
C PHE A 119 -11.06 16.86 -0.35
N SER A 120 -11.78 17.61 -1.19
CA SER A 120 -12.33 18.89 -0.74
C SER A 120 -13.56 18.74 0.17
N HIS A 121 -14.09 17.51 0.25
CA HIS A 121 -15.29 17.22 1.02
C HIS A 121 -15.03 17.03 2.52
N THR A 122 -14.35 18.00 3.13
CA THR A 122 -14.09 17.90 4.56
C THR A 122 -15.35 18.11 5.39
N VAL A 123 -15.37 17.51 6.57
CA VAL A 123 -16.55 17.57 7.43
C VAL A 123 -16.16 18.15 8.80
N GLU A 124 -17.16 18.47 9.62
CA GLU A 124 -16.94 19.21 10.87
C GLU A 124 -17.52 18.44 12.06
N PRO A 125 -16.81 18.47 13.21
CA PRO A 125 -17.33 17.81 14.42
C PRO A 125 -18.78 18.18 14.75
N PHE A 126 -19.62 17.16 14.92
CA PHE A 126 -21.00 17.33 15.33
C PHE A 126 -21.89 18.06 14.33
N VAL A 127 -21.39 18.28 13.12
CA VAL A 127 -22.21 18.89 12.09
C VAL A 127 -22.69 17.82 11.11
N VAL A 128 -23.99 17.56 11.13
CA VAL A 128 -24.57 16.54 10.28
C VAL A 128 -24.36 16.89 8.80
N PHE A 129 -24.02 15.89 8.01
CA PHE A 129 -24.04 16.06 6.56
C PHE A 129 -24.78 14.88 5.93
N ASP A 130 -25.13 15.02 4.67
CA ASP A 130 -26.05 14.10 4.03
C ASP A 130 -25.32 13.36 2.91
N LEU A 131 -25.43 12.03 2.91
CA LEU A 131 -24.94 11.21 1.81
C LEU A 131 -26.11 10.44 1.20
N GLN A 132 -26.61 10.94 0.07
CA GLN A 132 -27.78 10.33 -0.56
C GLN A 132 -28.92 10.07 0.44
N GLY A 133 -29.12 11.00 1.35
CA GLY A 133 -30.19 10.86 2.32
C GLY A 133 -29.82 10.29 3.68
N LEU A 134 -28.66 9.66 3.75
CA LEU A 134 -28.15 9.10 4.99
C LEU A 134 -27.59 10.25 5.81
N GLN A 135 -27.99 10.36 7.08
CA GLN A 135 -27.51 11.43 7.93
C GLN A 135 -26.27 11.00 8.67
N VAL A 136 -25.17 11.72 8.46
CA VAL A 136 -23.87 11.32 9.00
C VAL A 136 -23.36 12.40 9.92
N THR A 137 -22.97 12.02 11.14
CA THR A 137 -22.45 12.99 12.10
C THR A 137 -21.01 12.65 12.48
N PRO A 138 -20.07 13.55 12.19
CA PRO A 138 -18.68 13.32 12.61
C PRO A 138 -18.49 13.45 14.11
N LEU A 139 -17.74 12.52 14.68
CA LEU A 139 -17.54 12.44 16.12
C LEU A 139 -16.07 12.41 16.43
N PRO A 140 -15.56 13.44 17.10
CA PRO A 140 -14.12 13.43 17.37
C PRO A 140 -13.71 12.25 18.27
N LEU A 141 -12.61 11.61 17.92
CA LEU A 141 -12.07 10.48 18.69
C LEU A 141 -10.76 10.84 19.36
N ASN A 142 -10.30 9.97 20.26
CA ASN A 142 -9.04 10.17 20.98
C ASN A 142 -7.95 9.36 20.29
N HIS A 143 -7.10 10.03 19.51
CA HIS A 143 -6.13 9.32 18.68
C HIS A 143 -4.97 10.26 18.32
N SER A 144 -3.85 9.70 17.90
CA SER A 144 -2.65 10.51 17.67
C SER A 144 -2.75 11.40 16.42
N LYS A 145 -3.69 11.08 15.53
CA LYS A 145 -4.03 11.91 14.39
C LYS A 145 -5.41 12.50 14.59
N LEU A 146 -5.71 13.58 13.89
CA LEU A 146 -7.08 14.10 13.86
C LEU A 146 -7.97 13.02 13.29
N THR A 147 -8.89 12.51 14.11
CA THR A 147 -9.64 11.30 13.76
C THR A 147 -11.11 11.48 14.08
N PHE A 148 -11.98 11.17 13.12
CA PHE A 148 -13.43 11.20 13.34
C PHE A 148 -13.99 9.80 13.24
N GLY A 149 -14.87 9.47 14.19
CA GLY A 149 -15.80 8.38 13.98
C GLY A 149 -17.07 8.98 13.40
N TYR A 150 -18.09 8.16 13.15
CA TYR A 150 -19.30 8.64 12.52
C TYR A 150 -20.55 7.99 13.07
N LEU A 151 -21.56 8.81 13.34
CA LEU A 151 -22.91 8.29 13.55
C LEU A 151 -23.63 8.26 12.21
N LEU A 152 -24.22 7.12 11.87
CA LEU A 152 -24.97 6.96 10.63
C LEU A 152 -26.43 6.76 11.01
N GLU A 153 -27.31 7.62 10.51
CA GLU A 153 -28.70 7.63 10.95
C GLU A 153 -29.69 7.66 9.79
N THR A 154 -30.72 6.84 9.91
CA THR A 154 -31.84 6.87 9.00
C THR A 154 -33.05 7.17 9.87
N ALA A 155 -34.25 7.16 9.30
CA ALA A 155 -35.45 7.32 10.12
C ALA A 155 -35.51 6.35 11.30
N HIS A 156 -35.07 5.12 11.10
CA HIS A 156 -35.28 4.07 12.10
C HIS A 156 -34.02 3.52 12.74
N SER A 157 -32.88 3.79 12.11
CA SER A 157 -31.64 3.11 12.49
C SER A 157 -30.55 4.08 12.88
N ARG A 158 -29.69 3.67 13.81
CA ARG A 158 -28.56 4.49 14.22
C ARG A 158 -27.38 3.58 14.48
N VAL A 159 -26.31 3.75 13.71
CA VAL A 159 -25.12 2.93 13.84
C VAL A 159 -23.93 3.84 14.04
N ALA A 160 -23.05 3.51 14.99
CA ALA A 160 -21.82 4.27 15.17
C ALA A 160 -20.61 3.50 14.69
N TRP A 161 -19.73 4.20 13.99
CA TRP A 161 -18.45 3.65 13.55
C TRP A 161 -17.33 4.39 14.29
N LEU A 162 -16.69 3.70 15.22
CA LEU A 162 -15.76 4.33 16.16
C LEU A 162 -14.40 3.62 16.18
N SER A 163 -13.60 3.84 15.14
CA SER A 163 -12.19 3.44 15.15
C SER A 163 -11.48 4.55 14.38
N ASP A 164 -10.24 4.92 14.73
CA ASP A 164 -9.45 4.38 15.85
C ASP A 164 -9.58 5.30 17.05
N THR A 165 -9.67 4.73 18.26
CA THR A 165 -9.82 5.59 19.43
C THR A 165 -9.40 4.90 20.73
N ALA A 166 -8.91 5.71 21.67
CA ALA A 166 -8.61 5.27 23.04
C ALA A 166 -9.51 6.02 24.00
N GLY A 167 -10.53 5.34 24.50
CA GLY A 167 -11.56 6.02 25.23
C GLY A 167 -12.33 6.89 24.27
N LEU A 168 -13.20 7.74 24.80
CA LEU A 168 -13.87 8.74 23.99
C LEU A 168 -13.77 10.09 24.69
N PRO A 169 -13.56 11.15 23.90
CA PRO A 169 -13.63 12.52 24.45
C PRO A 169 -15.00 12.74 25.09
N GLU A 170 -15.04 13.56 26.15
CA GLU A 170 -16.25 13.84 26.88
C GLU A 170 -17.47 14.14 26.02
N LYS A 171 -17.34 15.08 25.07
CA LYS A 171 -18.51 15.50 24.30
C LYS A 171 -19.02 14.39 23.38
N THR A 172 -18.08 13.63 22.82
CA THR A 172 -18.45 12.49 21.99
C THR A 172 -19.15 11.41 22.80
N LEU A 173 -18.63 11.13 23.98
CA LEU A 173 -19.26 10.15 24.88
C LEU A 173 -20.69 10.54 25.22
N LYS A 174 -20.90 11.80 25.60
CA LYS A 174 -22.23 12.28 25.95
C LYS A 174 -23.14 12.24 24.75
N PHE A 175 -22.61 12.59 23.57
CA PHE A 175 -23.42 12.56 22.36
C PHE A 175 -23.94 11.16 22.09
N LEU A 176 -23.07 10.17 22.25
CA LEU A 176 -23.46 8.79 22.01
C LEU A 176 -24.47 8.28 23.03
N ARG A 177 -24.29 8.67 24.29
CA ARG A 177 -25.26 8.30 25.33
C ARG A 177 -26.62 8.90 25.00
N ASN A 178 -26.59 10.15 24.54
CA ASN A 178 -27.81 10.89 24.22
C ASN A 178 -28.47 10.42 22.92
N ASN A 179 -27.66 9.83 22.02
CA ASN A 179 -28.14 9.37 20.73
C ASN A 179 -27.77 7.90 20.62
N GLN A 180 -28.32 7.09 21.52
CA GLN A 180 -27.91 5.70 21.71
C GLN A 180 -27.92 4.92 20.39
N PRO A 181 -26.74 4.47 19.94
CA PRO A 181 -26.71 3.67 18.71
C PRO A 181 -27.25 2.26 18.96
N GLN A 182 -28.02 1.75 18.02
CA GLN A 182 -28.47 0.35 18.11
C GLN A 182 -27.30 -0.60 17.89
N VAL A 183 -26.33 -0.15 17.12
CA VAL A 183 -25.11 -0.93 16.85
C VAL A 183 -23.93 0.02 16.90
N MET A 184 -22.92 -0.37 17.67
N MET A 184 -22.88 -0.40 17.61
CA MET A 184 -21.67 0.36 17.69
CA MET A 184 -21.68 0.42 17.75
C MET A 184 -20.57 -0.56 17.25
C MET A 184 -20.45 -0.42 17.39
N VAL A 185 -19.85 -0.11 16.24
CA VAL A 185 -18.65 -0.80 15.79
C VAL A 185 -17.49 -0.06 16.44
N MET A 186 -16.74 -0.73 17.31
CA MET A 186 -15.80 -0.02 18.16
C MET A 186 -14.41 -0.63 18.16
N ASP A 187 -13.40 0.23 18.07
CA ASP A 187 -11.99 -0.14 18.24
C ASP A 187 -11.81 -0.87 19.56
N CYS A 188 -11.37 -2.12 19.51
CA CYS A 188 -10.93 -2.80 20.72
C CYS A 188 -9.70 -3.59 20.33
N SER A 189 -8.56 -2.91 20.28
CA SER A 189 -7.34 -3.51 19.78
C SER A 189 -6.82 -4.53 20.78
N HIS A 190 -6.96 -4.25 22.09
CA HIS A 190 -6.24 -5.00 23.11
C HIS A 190 -7.12 -5.78 24.06
N PRO A 191 -6.60 -6.89 24.61
CA PRO A 191 -7.29 -7.61 25.67
C PRO A 191 -7.30 -6.74 26.94
N PRO A 192 -8.13 -7.10 27.93
CA PRO A 192 -8.27 -6.34 29.16
C PRO A 192 -6.92 -5.91 29.74
N ARG A 193 -6.76 -4.61 30.00
CA ARG A 193 -5.53 -4.05 30.57
C ARG A 193 -5.89 -3.37 31.89
N ALA A 194 -4.91 -3.23 32.77
CA ALA A 194 -5.14 -2.55 34.05
C ALA A 194 -5.13 -1.04 33.88
N ASP A 195 -4.36 -0.55 32.92
CA ASP A 195 -4.24 0.88 32.70
C ASP A 195 -4.41 1.24 31.23
N ALA A 196 -4.87 2.45 30.95
CA ALA A 196 -4.89 3.00 29.59
C ALA A 196 -5.59 2.02 28.62
N PRO A 197 -5.03 1.78 27.41
CA PRO A 197 -3.87 2.27 26.64
C PRO A 197 -4.05 3.67 26.03
N ARG A 198 -3.13 4.04 25.14
CA ARG A 198 -2.99 5.42 24.67
C ARG A 198 -3.69 5.76 23.37
N ASN A 199 -3.63 4.85 22.40
CA ASN A 199 -4.08 5.16 21.03
C ASN A 199 -5.29 4.31 20.63
N HIS A 200 -5.49 3.19 21.32
CA HIS A 200 -6.60 2.28 21.06
C HIS A 200 -7.16 1.75 22.36
N CYS A 201 -8.44 1.38 22.34
CA CYS A 201 -9.10 0.81 23.51
C CYS A 201 -8.61 -0.60 23.79
N ASP A 202 -8.61 -0.97 25.07
CA ASP A 202 -8.61 -2.37 25.47
C ASP A 202 -10.04 -2.73 25.86
N LEU A 203 -10.28 -4.01 26.15
CA LEU A 203 -11.63 -4.47 26.44
C LEU A 203 -12.22 -3.79 27.69
N ASN A 204 -11.40 -3.54 28.70
CA ASN A 204 -11.96 -2.87 29.88
C ASN A 204 -12.47 -1.47 29.56
N THR A 205 -11.76 -0.76 28.70
CA THR A 205 -12.19 0.57 28.27
C THR A 205 -13.49 0.51 27.48
N VAL A 206 -13.60 -0.45 26.57
CA VAL A 206 -14.86 -0.61 25.83
C VAL A 206 -16.04 -0.95 26.76
N LEU A 207 -15.81 -1.82 27.74
CA LEU A 207 -16.88 -2.14 28.69
C LEU A 207 -17.29 -0.88 29.48
N ALA A 208 -16.30 -0.08 29.88
CA ALA A 208 -16.61 1.13 30.64
C ALA A 208 -17.42 2.10 29.80
N LEU A 209 -17.03 2.26 28.53
CA LEU A 209 -17.73 3.16 27.65
C LEU A 209 -19.17 2.71 27.43
N ASN A 210 -19.41 1.40 27.28
CA ASN A 210 -20.79 1.00 27.08
C ASN A 210 -21.62 0.97 28.37
N GLN A 211 -20.97 1.03 29.53
CA GLN A 211 -21.74 1.25 30.77
C GLN A 211 -22.46 2.58 30.68
N VAL A 212 -21.83 3.52 29.99
CA VAL A 212 -22.38 4.85 29.79
C VAL A 212 -23.34 4.88 28.60
N ILE A 213 -22.90 4.35 27.47
CA ILE A 213 -23.68 4.48 26.24
C ILE A 213 -24.87 3.53 26.17
N ARG A 214 -24.70 2.32 26.70
CA ARG A 214 -25.77 1.30 26.71
C ARG A 214 -26.27 0.90 25.31
N SER A 215 -25.37 0.87 24.33
CA SER A 215 -25.76 0.30 23.05
C SER A 215 -26.07 -1.19 23.23
N PRO A 216 -27.18 -1.67 22.64
CA PRO A 216 -27.53 -3.09 22.80
C PRO A 216 -26.70 -4.06 21.97
N ARG A 217 -25.91 -3.55 21.04
CA ARG A 217 -25.08 -4.42 20.21
C ARG A 217 -23.75 -3.75 19.90
N VAL A 218 -22.71 -4.15 20.62
CA VAL A 218 -21.36 -3.65 20.39
C VAL A 218 -20.56 -4.69 19.64
N ILE A 219 -20.01 -4.28 18.50
CA ILE A 219 -19.20 -5.16 17.66
C ILE A 219 -17.77 -4.65 17.69
N LEU A 220 -16.87 -5.47 18.22
CA LEU A 220 -15.47 -5.09 18.38
C LEU A 220 -14.71 -5.24 17.07
N THR A 221 -13.85 -4.28 16.77
CA THR A 221 -13.03 -4.34 15.57
C THR A 221 -11.64 -3.78 15.85
N HIS A 222 -10.82 -3.69 14.80
CA HIS A 222 -9.41 -3.28 14.93
C HIS A 222 -8.66 -4.22 15.90
N ILE A 223 -8.97 -5.51 15.80
CA ILE A 223 -8.53 -6.54 16.75
C ILE A 223 -7.07 -6.93 16.50
N SER A 224 -6.25 -6.86 17.55
CA SER A 224 -4.84 -7.31 17.45
C SER A 224 -4.75 -8.80 17.65
N HIS A 225 -3.64 -9.38 17.18
CA HIS A 225 -3.44 -10.81 17.39
C HIS A 225 -3.43 -11.22 18.87
N GLN A 226 -2.95 -10.35 19.75
CA GLN A 226 -2.97 -10.64 21.18
C GLN A 226 -4.40 -10.77 21.72
N PHE A 227 -5.29 -9.90 21.23
CA PHE A 227 -6.68 -9.96 21.66
C PHE A 227 -7.33 -11.22 21.08
N ASP A 228 -7.03 -11.54 19.81
CA ASP A 228 -7.58 -12.77 19.24
C ASP A 228 -7.15 -14.01 20.05
N ALA A 229 -5.89 -14.05 20.45
CA ALA A 229 -5.41 -15.15 21.28
C ALA A 229 -6.18 -15.21 22.60
N TRP A 230 -6.42 -14.05 23.19
CA TRP A 230 -7.19 -13.98 24.45
C TRP A 230 -8.60 -14.50 24.24
N LEU A 231 -9.22 -14.11 23.13
CA LEU A 231 -10.58 -14.51 22.80
C LEU A 231 -10.71 -16.01 22.53
N MET A 232 -9.61 -16.67 22.19
CA MET A 232 -9.64 -18.12 22.03
C MET A 232 -9.90 -18.83 23.36
N GLU A 233 -9.67 -18.13 24.46
CA GLU A 233 -9.79 -18.77 25.79
C GLU A 233 -10.74 -18.05 26.75
N ASN A 234 -11.34 -16.95 26.30
CA ASN A 234 -12.22 -16.16 27.14
C ASN A 234 -13.46 -15.70 26.40
N ALA A 235 -14.61 -15.76 27.06
CA ALA A 235 -15.86 -15.30 26.46
C ALA A 235 -16.05 -13.81 26.67
N LEU A 236 -16.85 -13.18 25.81
CA LEU A 236 -17.25 -11.79 26.00
C LEU A 236 -18.60 -11.74 26.71
N PRO A 237 -18.89 -10.62 27.40
CA PRO A 237 -20.19 -10.44 28.05
C PRO A 237 -21.32 -10.33 27.03
N SER A 238 -22.55 -10.61 27.44
CA SER A 238 -23.69 -10.46 26.55
C SER A 238 -23.76 -9.03 25.99
N GLY A 239 -24.13 -8.91 24.72
CA GLY A 239 -24.26 -7.60 24.10
C GLY A 239 -22.98 -7.18 23.39
N PHE A 240 -21.92 -7.99 23.51
CA PHE A 240 -20.66 -7.74 22.80
C PHE A 240 -20.33 -8.91 21.90
N GLU A 241 -19.84 -8.60 20.69
CA GLU A 241 -19.39 -9.65 19.80
C GLU A 241 -18.17 -9.18 19.06
N VAL A 242 -17.42 -10.13 18.49
CA VAL A 242 -16.24 -9.78 17.72
C VAL A 242 -16.59 -9.73 16.25
N GLY A 243 -16.26 -8.63 15.58
CA GLY A 243 -16.41 -8.57 14.14
C GLY A 243 -15.50 -9.55 13.42
N PHE A 244 -15.81 -9.82 12.16
CA PHE A 244 -14.93 -10.63 11.31
C PHE A 244 -14.93 -10.02 9.91
N ASP A 245 -13.85 -10.24 9.16
CA ASP A 245 -13.78 -9.71 7.80
C ASP A 245 -14.93 -10.29 6.99
N GLY A 246 -15.67 -9.41 6.32
CA GLY A 246 -16.81 -9.81 5.52
C GLY A 246 -18.14 -9.84 6.24
N MET A 247 -18.14 -9.65 7.56
CA MET A 247 -19.40 -9.63 8.31
C MET A 247 -20.40 -8.61 7.78
N GLU A 248 -21.62 -9.06 7.53
CA GLU A 248 -22.68 -8.15 7.14
C GLU A 248 -23.59 -7.88 8.33
N ILE A 249 -23.93 -6.60 8.51
CA ILE A 249 -24.75 -6.10 9.60
C ILE A 249 -26.00 -5.44 9.05
N GLY A 250 -27.15 -5.86 9.53
CA GLY A 250 -28.41 -5.24 9.14
C GLY A 250 -29.05 -4.54 10.33
N SER B 2 25.84 -18.73 -9.28
CA SER B 2 24.63 -18.38 -10.01
C SER B 2 24.09 -17.03 -9.55
N LEU B 3 24.01 -16.08 -10.47
CA LEU B 3 23.33 -14.82 -10.22
C LEU B 3 22.10 -14.72 -11.10
N THR B 4 20.92 -14.64 -10.48
CA THR B 4 19.68 -14.53 -11.23
C THR B 4 18.83 -13.39 -10.68
N LEU B 5 18.01 -12.84 -11.55
CA LEU B 5 17.11 -11.75 -11.20
C LEU B 5 15.73 -12.10 -11.72
N THR B 6 14.71 -11.95 -10.86
CA THR B 6 13.33 -12.13 -11.28
C THR B 6 12.63 -10.79 -11.16
N LEU B 7 11.94 -10.37 -12.23
CA LEU B 7 11.15 -9.15 -12.16
C LEU B 7 9.80 -9.50 -11.55
N THR B 8 9.57 -9.09 -10.32
CA THR B 8 8.31 -9.45 -9.69
C THR B 8 7.19 -8.48 -10.05
N GLY B 9 7.55 -7.26 -10.46
CA GLY B 9 6.57 -6.29 -10.92
C GLY B 9 7.26 -5.45 -11.97
N THR B 10 6.53 -5.08 -13.01
CA THR B 10 7.10 -4.35 -14.13
C THR B 10 6.29 -3.12 -14.52
N GLY B 11 5.35 -2.72 -13.64
CA GLY B 11 4.53 -1.55 -13.93
C GLY B 11 4.94 -0.33 -13.13
N GLY B 12 4.28 0.79 -13.42
CA GLY B 12 4.39 1.99 -12.59
C GLY B 12 3.30 2.06 -11.54
N ALA B 13 3.15 3.22 -10.90
CA ALA B 13 2.18 3.38 -9.83
C ALA B 13 0.74 3.08 -10.26
N GLN B 14 0.41 3.45 -11.50
CA GLN B 14 -0.94 3.26 -12.02
C GLN B 14 -1.25 1.79 -12.31
N GLY B 15 -0.21 1.07 -12.72
CA GLY B 15 -0.32 -0.34 -13.06
C GLY B 15 -0.96 -0.64 -14.41
N VAL B 16 -0.95 -1.93 -14.74
N VAL B 16 -0.92 -1.91 -14.79
CA VAL B 16 -1.70 -2.45 -15.87
CA VAL B 16 -1.76 -2.39 -15.87
C VAL B 16 -2.45 -3.68 -15.35
C VAL B 16 -2.45 -3.63 -15.33
N PRO B 17 -3.78 -3.67 -15.42
CA PRO B 17 -4.63 -2.62 -16.00
C PRO B 17 -4.70 -1.38 -15.11
N ALA B 18 -4.84 -0.22 -15.76
CA ALA B 18 -5.13 1.01 -15.04
C ALA B 18 -6.59 0.94 -14.57
N TRP B 19 -6.85 1.37 -13.34
CA TRP B 19 -8.19 1.21 -12.77
C TRP B 19 -9.25 1.87 -13.64
N GLY B 20 -10.21 1.06 -14.12
CA GLY B 20 -11.28 1.57 -14.94
C GLY B 20 -11.00 1.76 -16.42
N CYS B 21 -9.76 1.57 -16.84
CA CYS B 21 -9.42 1.80 -18.23
C CYS B 21 -9.84 0.66 -19.15
N GLU B 22 -10.40 1.00 -20.30
CA GLU B 22 -10.79 -0.01 -21.29
C GLU B 22 -9.92 -0.03 -22.54
N CYS B 23 -8.71 0.51 -22.46
CA CYS B 23 -7.83 0.48 -23.64
C CYS B 23 -7.42 -0.95 -23.95
N ALA B 24 -6.83 -1.15 -25.12
CA ALA B 24 -6.48 -2.51 -25.55
C ALA B 24 -5.52 -3.22 -24.59
N ALA B 25 -4.57 -2.46 -24.03
CA ALA B 25 -3.60 -3.06 -23.12
C ALA B 25 -4.23 -3.47 -21.80
N CYS B 26 -5.11 -2.62 -21.29
CA CYS B 26 -5.76 -2.93 -20.03
C CYS B 26 -6.76 -4.07 -20.19
N ALA B 27 -7.52 -4.05 -21.28
CA ALA B 27 -8.45 -5.15 -21.53
C ALA B 27 -7.69 -6.48 -21.67
N ARG B 28 -6.56 -6.44 -22.35
CA ARG B 28 -5.77 -7.66 -22.49
C ARG B 28 -5.31 -8.19 -21.14
N ALA B 29 -4.85 -7.29 -20.27
CA ALA B 29 -4.36 -7.72 -18.96
C ALA B 29 -5.48 -8.31 -18.09
N ARG B 30 -6.71 -7.84 -18.25
CA ARG B 30 -7.81 -8.45 -17.50
C ARG B 30 -8.12 -9.85 -17.99
N ARG B 31 -8.13 -10.00 -19.30
CA ARG B 31 -8.45 -11.27 -19.94
C ARG B 31 -7.32 -12.29 -19.73
N SER B 32 -6.08 -11.82 -19.87
CA SER B 32 -4.91 -12.69 -19.80
C SER B 32 -3.96 -12.14 -18.72
N PRO B 33 -4.08 -12.68 -17.50
CA PRO B 33 -3.41 -12.10 -16.34
C PRO B 33 -1.88 -12.05 -16.40
N GLN B 34 -1.26 -12.82 -17.29
N GLN B 34 -1.25 -12.82 -17.27
CA GLN B 34 0.19 -12.77 -17.44
CA GLN B 34 0.20 -12.75 -17.39
C GLN B 34 0.64 -11.36 -17.84
C GLN B 34 0.66 -11.37 -17.89
N TYR B 35 -0.29 -10.58 -18.40
CA TYR B 35 0.02 -9.23 -18.87
C TYR B 35 -0.22 -8.16 -17.80
N ARG B 36 -0.68 -8.56 -16.63
CA ARG B 36 -0.80 -7.60 -15.53
C ARG B 36 0.58 -7.12 -15.13
N ARG B 37 0.69 -5.87 -14.69
CA ARG B 37 1.97 -5.33 -14.24
C ARG B 37 1.84 -4.73 -12.84
N GLN B 38 2.39 -5.42 -11.85
CA GLN B 38 2.46 -4.94 -10.49
C GLN B 38 3.65 -3.98 -10.31
N PRO B 39 3.74 -3.31 -9.15
CA PRO B 39 4.76 -2.27 -8.96
C PRO B 39 6.18 -2.77 -9.18
N CYS B 40 6.96 -1.92 -9.85
CA CYS B 40 8.33 -2.22 -10.27
C CYS B 40 9.22 -2.72 -9.13
N SER B 41 9.64 -3.98 -9.24
CA SER B 41 10.35 -4.64 -8.13
C SER B 41 11.03 -5.88 -8.66
N GLY B 42 12.05 -6.35 -7.95
CA GLY B 42 12.83 -7.49 -8.41
C GLY B 42 13.32 -8.32 -7.24
N VAL B 43 13.74 -9.55 -7.55
CA VAL B 43 14.32 -10.45 -6.55
C VAL B 43 15.64 -10.95 -7.11
N VAL B 44 16.73 -10.69 -6.38
CA VAL B 44 18.06 -11.11 -6.80
C VAL B 44 18.46 -12.31 -6.00
N LYS B 45 18.90 -13.36 -6.69
CA LYS B 45 19.43 -14.53 -6.01
C LYS B 45 20.88 -14.69 -6.41
N PHE B 46 21.77 -14.60 -5.42
CA PHE B 46 23.18 -14.82 -5.67
C PHE B 46 23.62 -15.92 -4.74
N ASN B 47 23.93 -17.07 -5.33
CA ASN B 47 24.17 -18.29 -4.58
C ASN B 47 22.97 -18.56 -3.68
N ASP B 48 23.16 -18.55 -2.37
CA ASP B 48 22.04 -18.80 -1.45
C ASP B 48 21.25 -17.55 -1.06
N ALA B 49 21.83 -16.38 -1.27
CA ALA B 49 21.32 -15.16 -0.66
C ALA B 49 20.28 -14.49 -1.55
N ILE B 50 19.32 -13.86 -0.89
CA ILE B 50 18.21 -13.20 -1.57
C ILE B 50 18.06 -11.74 -1.19
N THR B 51 17.99 -10.89 -2.21
CA THR B 51 17.79 -9.46 -2.04
C THR B 51 16.48 -9.06 -2.70
N LEU B 52 15.64 -8.35 -1.96
CA LEU B 52 14.42 -7.81 -2.53
C LEU B 52 14.65 -6.36 -2.95
N ILE B 53 14.65 -6.10 -4.25
CA ILE B 53 14.79 -4.75 -4.81
C ILE B 53 13.41 -4.11 -4.89
N ASP B 54 13.23 -3.14 -4.00
CA ASP B 54 11.96 -2.43 -3.82
C ASP B 54 10.84 -3.27 -3.26
N ALA B 55 9.77 -2.61 -2.86
CA ALA B 55 8.83 -3.22 -1.97
C ALA B 55 7.44 -2.68 -2.20
N GLY B 56 7.09 -2.50 -3.47
CA GLY B 56 5.78 -1.98 -3.81
C GLY B 56 4.70 -3.04 -3.93
N LEU B 57 5.07 -4.32 -3.93
CA LEU B 57 4.07 -5.40 -3.95
C LEU B 57 3.30 -5.43 -2.63
N HIS B 58 2.03 -5.79 -2.68
N HIS B 58 2.03 -5.81 -2.70
CA HIS B 58 1.22 -5.84 -1.46
CA HIS B 58 1.18 -5.85 -1.51
C HIS B 58 1.17 -7.23 -0.83
C HIS B 58 1.10 -7.24 -0.89
N ASP B 59 1.76 -8.22 -1.50
CA ASP B 59 1.67 -9.60 -1.01
C ASP B 59 2.99 -10.20 -0.51
N LEU B 60 3.94 -9.34 -0.13
CA LEU B 60 5.24 -9.80 0.38
C LEU B 60 5.13 -10.70 1.60
N ALA B 61 4.14 -10.46 2.46
CA ALA B 61 3.99 -11.26 3.67
C ALA B 61 3.57 -12.68 3.32
N ASP B 62 2.92 -12.84 2.18
CA ASP B 62 2.52 -14.16 1.70
C ASP B 62 3.65 -14.87 0.96
N ARG B 63 4.53 -14.09 0.34
CA ARG B 63 5.63 -14.65 -0.44
C ARG B 63 6.82 -15.01 0.43
N TRP B 64 7.02 -14.25 1.51
CA TRP B 64 8.25 -14.35 2.30
C TRP B 64 7.93 -14.37 3.78
N SER B 65 8.79 -15.01 4.56
CA SER B 65 8.71 -14.90 6.00
C SER B 65 9.94 -14.18 6.50
N PRO B 66 9.87 -13.61 7.70
CA PRO B 66 11.07 -12.97 8.25
C PRO B 66 12.24 -13.94 8.27
N GLY B 67 13.36 -13.53 7.70
CA GLY B 67 14.58 -14.33 7.65
C GLY B 67 14.71 -15.23 6.45
N SER B 68 13.70 -15.25 5.57
CA SER B 68 13.73 -16.07 4.37
C SER B 68 14.43 -15.37 3.23
N PHE B 69 14.81 -14.11 3.46
CA PHE B 69 15.63 -13.35 2.51
C PHE B 69 16.58 -12.51 3.35
N GLN B 70 17.62 -11.98 2.73
CA GLN B 70 18.69 -11.36 3.47
C GLN B 70 18.49 -9.86 3.72
N GLN B 71 18.00 -9.13 2.72
CA GLN B 71 17.83 -7.69 2.91
C GLN B 71 16.91 -7.12 1.84
N PHE B 72 16.36 -5.94 2.13
CA PHE B 72 15.76 -5.09 1.10
C PHE B 72 16.82 -4.16 0.52
N LEU B 73 16.67 -3.83 -0.77
CA LEU B 73 17.47 -2.83 -1.44
C LEU B 73 16.49 -1.86 -2.09
N LEU B 74 16.46 -0.62 -1.63
CA LEU B 74 15.47 0.34 -2.13
C LEU B 74 16.06 1.36 -3.08
N THR B 75 15.33 1.66 -4.14
CA THR B 75 15.77 2.69 -5.06
C THR B 75 15.40 4.08 -4.58
N HIS B 76 14.18 4.23 -4.04
CA HIS B 76 13.69 5.52 -3.57
C HIS B 76 12.40 5.32 -2.78
N TYR B 77 11.94 6.38 -2.15
CA TYR B 77 10.82 6.30 -1.21
C TYR B 77 9.44 6.73 -1.75
N HIS B 78 9.26 6.74 -3.07
CA HIS B 78 7.91 6.85 -3.61
C HIS B 78 7.07 5.66 -3.15
N MET B 79 5.77 5.91 -2.93
N MET B 79 5.77 5.91 -2.94
CA MET B 79 4.88 4.88 -2.41
CA MET B 79 4.88 4.89 -2.39
C MET B 79 4.87 3.59 -3.20
C MET B 79 4.85 3.60 -3.19
N ASP B 80 4.93 3.68 -4.52
CA ASP B 80 4.86 2.48 -5.35
C ASP B 80 6.12 1.61 -5.23
N HIS B 81 7.11 2.09 -4.47
CA HIS B 81 8.33 1.33 -4.24
C HIS B 81 8.50 0.93 -2.79
N VAL B 82 7.69 1.47 -1.88
CA VAL B 82 7.82 1.12 -0.46
C VAL B 82 6.51 0.75 0.27
N GLN B 83 5.38 0.84 -0.41
CA GLN B 83 4.11 0.65 0.29
C GLN B 83 4.00 -0.72 0.95
N GLY B 84 4.65 -1.73 0.39
CA GLY B 84 4.61 -3.07 0.96
C GLY B 84 5.32 -3.19 2.30
N LEU B 85 6.15 -2.22 2.65
CA LEU B 85 6.86 -2.27 3.94
C LEU B 85 5.96 -1.96 5.12
N PHE B 86 4.87 -1.25 4.89
CA PHE B 86 4.08 -0.73 6.02
C PHE B 86 3.47 -1.80 6.90
N PRO B 87 2.92 -2.86 6.31
CA PRO B 87 2.41 -3.92 7.21
C PRO B 87 3.52 -4.79 7.78
N LEU B 88 4.57 -5.02 6.98
CA LEU B 88 5.66 -5.93 7.33
C LEU B 88 6.41 -5.47 8.56
N ARG B 89 6.50 -4.16 8.74
CA ARG B 89 7.35 -3.63 9.80
C ARG B 89 6.90 -4.06 11.20
N TRP B 90 5.61 -4.38 11.34
CA TRP B 90 5.04 -4.74 12.62
C TRP B 90 5.23 -6.23 12.92
N GLY B 91 6.02 -6.92 12.12
CA GLY B 91 6.20 -8.35 12.28
C GLY B 91 7.07 -8.79 13.45
N VAL B 92 7.16 -10.11 13.56
CA VAL B 92 7.93 -10.77 14.61
C VAL B 92 9.17 -11.41 13.99
N GLY B 93 10.35 -11.08 14.52
CA GLY B 93 11.58 -11.61 13.98
C GLY B 93 12.77 -10.70 14.20
N ASP B 94 13.92 -11.16 13.73
CA ASP B 94 15.16 -10.40 13.80
C ASP B 94 15.09 -9.19 12.87
N PRO B 95 15.89 -8.15 13.15
CA PRO B 95 15.91 -6.97 12.28
C PRO B 95 16.26 -7.31 10.84
N ILE B 96 15.58 -6.65 9.92
CA ILE B 96 15.83 -6.81 8.49
C ILE B 96 16.52 -5.56 7.93
N PRO B 97 17.74 -5.72 7.42
CA PRO B 97 18.43 -4.56 6.84
C PRO B 97 17.68 -4.02 5.64
N VAL B 98 17.56 -2.69 5.58
CA VAL B 98 17.05 -2.02 4.40
C VAL B 98 18.15 -1.09 3.88
N TYR B 99 18.76 -1.47 2.76
CA TYR B 99 19.75 -0.61 2.10
C TYR B 99 19.07 0.36 1.15
N GLY B 100 19.56 1.59 1.07
CA GLY B 100 18.94 2.57 0.17
C GLY B 100 19.55 3.95 0.27
N PRO B 101 19.01 4.92 -0.48
CA PRO B 101 19.58 6.28 -0.48
C PRO B 101 19.31 6.99 0.84
N PRO B 102 20.18 7.95 1.18
CA PRO B 102 20.07 8.72 2.43
C PRO B 102 18.99 9.79 2.34
N ASP B 103 17.78 9.37 1.98
CA ASP B 103 16.61 10.24 1.96
C ASP B 103 16.34 10.57 3.42
N GLU B 104 16.27 11.85 3.74
CA GLU B 104 16.17 12.26 5.13
C GLU B 104 14.76 12.12 5.72
N GLN B 105 13.77 11.99 4.85
CA GLN B 105 12.37 11.94 5.30
C GLN B 105 11.77 10.53 5.23
N GLY B 106 12.17 9.76 4.22
CA GLY B 106 11.58 8.44 4.03
C GLY B 106 10.20 8.56 3.42
N CYS B 107 9.27 7.75 3.91
CA CYS B 107 7.88 7.82 3.46
C CYS B 107 6.98 7.70 4.68
N ASP B 108 6.10 8.69 4.86
CA ASP B 108 5.17 8.67 5.99
C ASP B 108 5.97 8.36 7.27
N ASP B 109 5.47 7.47 8.13
CA ASP B 109 6.16 7.24 9.40
C ASP B 109 7.07 6.02 9.47
N LEU B 110 7.60 5.60 8.31
CA LEU B 110 8.53 4.47 8.28
C LEU B 110 9.73 4.69 9.20
N PHE B 111 10.34 5.87 9.12
CA PHE B 111 11.56 6.14 9.87
C PHE B 111 11.29 6.30 11.36
N LYS B 112 10.15 6.91 11.71
CA LYS B 112 9.78 7.14 13.12
C LYS B 112 9.42 5.82 13.79
N HIS B 113 8.75 4.95 13.05
CA HIS B 113 8.27 3.68 13.56
C HIS B 113 8.64 2.55 12.61
N PRO B 114 9.93 2.16 12.61
CA PRO B 114 10.42 1.21 11.61
C PRO B 114 10.14 -0.25 11.98
N GLY B 115 9.73 -0.51 13.22
CA GLY B 115 9.48 -1.89 13.62
C GLY B 115 10.70 -2.76 13.44
N LEU B 116 10.55 -3.89 12.75
CA LEU B 116 11.72 -4.73 12.53
C LEU B 116 12.61 -4.31 11.35
N LEU B 117 12.24 -3.25 10.64
CA LEU B 117 13.07 -2.76 9.52
C LEU B 117 14.21 -1.88 10.02
N ASP B 118 15.41 -2.14 9.53
CA ASP B 118 16.58 -1.33 9.92
C ASP B 118 17.04 -0.47 8.75
N PHE B 119 16.62 0.80 8.77
CA PHE B 119 16.92 1.73 7.68
C PHE B 119 18.29 2.42 7.83
N SER B 120 19.08 2.04 8.83
CA SER B 120 20.37 2.71 9.03
C SER B 120 21.38 2.37 7.95
N HIS B 121 21.06 1.39 7.10
CA HIS B 121 22.00 0.93 6.06
C HIS B 121 22.00 1.80 4.80
N THR B 122 22.14 3.10 4.98
CA THR B 122 22.18 3.99 3.85
C THR B 122 23.48 3.79 3.06
N VAL B 123 23.39 4.02 1.75
CA VAL B 123 24.51 3.81 0.85
C VAL B 123 24.90 5.09 0.14
N GLU B 124 26.04 5.07 -0.56
CA GLU B 124 26.64 6.27 -1.12
C GLU B 124 26.89 6.09 -2.62
N PRO B 125 26.66 7.15 -3.40
CA PRO B 125 26.93 7.09 -4.84
C PRO B 125 28.33 6.57 -5.12
N PHE B 126 28.40 5.54 -5.96
CA PHE B 126 29.68 5.00 -6.47
C PHE B 126 30.55 4.32 -5.44
N VAL B 127 30.01 4.15 -4.23
CA VAL B 127 30.73 3.42 -3.19
C VAL B 127 30.16 2.02 -3.07
N VAL B 128 30.99 1.05 -3.48
CA VAL B 128 30.60 -0.35 -3.52
C VAL B 128 30.29 -0.92 -2.13
N PHE B 129 29.26 -1.75 -2.05
CA PHE B 129 28.99 -2.51 -0.84
C PHE B 129 28.73 -3.99 -1.19
N ASP B 130 28.87 -4.87 -0.20
CA ASP B 130 28.84 -6.31 -0.46
C ASP B 130 27.59 -6.91 0.14
N LEU B 131 26.84 -7.67 -0.65
CA LEU B 131 25.67 -8.40 -0.16
C LEU B 131 25.96 -9.89 -0.37
N GLN B 132 26.45 -10.55 0.68
CA GLN B 132 26.82 -11.96 0.60
C GLN B 132 27.66 -12.29 -0.63
N GLY B 133 28.62 -11.43 -0.94
CA GLY B 133 29.52 -11.68 -2.05
C GLY B 133 29.17 -10.93 -3.32
N LEU B 134 27.93 -10.45 -3.41
CA LEU B 134 27.50 -9.66 -4.55
C LEU B 134 28.00 -8.22 -4.39
N GLN B 135 28.67 -7.71 -5.42
CA GLN B 135 29.20 -6.36 -5.40
C GLN B 135 28.15 -5.39 -5.94
N VAL B 136 27.73 -4.44 -5.12
CA VAL B 136 26.66 -3.53 -5.51
C VAL B 136 27.14 -2.08 -5.51
N THR B 137 26.91 -1.37 -6.60
CA THR B 137 27.31 0.03 -6.70
C THR B 137 26.10 0.94 -6.86
N PRO B 138 25.87 1.86 -5.90
CA PRO B 138 24.76 2.82 -6.06
C PRO B 138 25.04 3.82 -7.19
N LEU B 139 24.02 4.08 -8.00
CA LEU B 139 24.12 4.96 -9.15
C LEU B 139 23.04 6.02 -9.10
N PRO B 140 23.43 7.29 -8.91
CA PRO B 140 22.38 8.32 -8.86
C PRO B 140 21.59 8.40 -10.15
N LEU B 141 20.27 8.50 -10.01
CA LEU B 141 19.36 8.63 -11.14
C LEU B 141 18.73 10.01 -11.18
N ASN B 142 18.00 10.29 -12.27
CA ASN B 142 17.34 11.58 -12.44
C ASN B 142 15.85 11.42 -12.18
N HIS B 143 15.40 11.85 -11.01
CA HIS B 143 14.02 11.57 -10.61
C HIS B 143 13.59 12.61 -9.57
N SER B 144 12.29 12.71 -9.31
CA SER B 144 11.78 13.76 -8.40
C SER B 144 12.07 13.51 -6.92
N LYS B 145 12.48 12.29 -6.60
CA LYS B 145 13.00 11.95 -5.28
C LYS B 145 14.48 11.59 -5.40
N LEU B 146 15.20 11.63 -4.28
CA LEU B 146 16.56 11.09 -4.25
C LEU B 146 16.44 9.62 -4.58
N THR B 147 17.05 9.22 -5.69
CA THR B 147 16.81 7.89 -6.25
C THR B 147 18.15 7.29 -6.70
N PHE B 148 18.40 6.06 -6.26
CA PHE B 148 19.55 5.29 -6.73
C PHE B 148 19.13 4.07 -7.55
N GLY B 149 19.81 3.85 -8.67
CA GLY B 149 19.81 2.55 -9.31
C GLY B 149 21.04 1.82 -8.81
N TYR B 150 21.25 0.59 -9.28
CA TYR B 150 22.36 -0.22 -8.76
C TYR B 150 23.02 -1.06 -9.85
N LEU B 151 24.35 -1.11 -9.82
CA LEU B 151 25.07 -2.11 -10.59
C LEU B 151 25.27 -3.31 -9.70
N LEU B 152 24.93 -4.50 -10.20
CA LEU B 152 25.15 -5.74 -9.47
C LEU B 152 26.21 -6.53 -10.22
N GLU B 153 27.28 -6.92 -9.54
CA GLU B 153 28.37 -7.58 -10.24
C GLU B 153 28.92 -8.80 -9.49
N THR B 154 29.21 -9.85 -10.25
CA THR B 154 29.94 -11.02 -9.75
C THR B 154 30.70 -11.65 -10.91
N ALA B 155 31.96 -12.02 -10.67
CA ALA B 155 32.74 -12.74 -11.67
C ALA B 155 32.62 -12.05 -13.03
N HIS B 156 32.88 -10.75 -13.06
CA HIS B 156 32.80 -9.97 -14.30
C HIS B 156 31.44 -10.06 -15.02
N SER B 157 30.42 -10.55 -14.35
CA SER B 157 29.06 -10.49 -14.87
C SER B 157 28.33 -9.31 -14.21
N ARG B 158 27.66 -8.49 -15.03
CA ARG B 158 27.15 -7.21 -14.57
C ARG B 158 25.73 -6.96 -15.03
N VAL B 159 24.87 -6.60 -14.09
CA VAL B 159 23.48 -6.27 -14.37
C VAL B 159 23.18 -4.93 -13.71
N ALA B 160 22.57 -4.02 -14.45
CA ALA B 160 22.18 -2.73 -13.89
C ALA B 160 20.69 -2.67 -13.69
N TRP B 161 20.29 -2.15 -12.54
CA TRP B 161 18.88 -1.91 -12.22
C TRP B 161 18.64 -0.41 -12.15
N LEU B 162 17.93 0.13 -13.16
CA LEU B 162 17.86 1.57 -13.36
C LEU B 162 16.42 2.08 -13.45
N SER B 163 15.74 2.10 -12.31
CA SER B 163 14.42 2.70 -12.23
C SER B 163 14.28 3.29 -10.83
N ASP B 164 13.63 4.44 -10.65
CA ASP B 164 12.97 5.22 -11.73
C ASP B 164 13.91 6.33 -12.19
N THR B 165 13.90 6.66 -13.47
CA THR B 165 14.77 7.72 -13.96
C THR B 165 14.33 8.26 -15.30
N ALA B 166 14.65 9.53 -15.54
N ALA B 166 14.62 9.55 -15.52
CA ALA B 166 14.63 10.07 -16.88
CA ALA B 166 14.40 10.20 -16.80
C ALA B 166 16.07 9.99 -17.38
C ALA B 166 15.77 10.61 -17.32
N GLY B 167 16.47 10.85 -18.31
N GLY B 167 16.27 9.88 -18.32
CA GLY B 167 17.85 10.87 -18.75
CA GLY B 167 17.66 10.03 -18.73
C GLY B 167 18.84 10.85 -17.59
C GLY B 167 18.59 9.59 -17.62
N LEU B 168 19.85 9.99 -17.70
CA LEU B 168 20.79 9.73 -16.61
C LEU B 168 21.73 10.89 -16.34
N PRO B 169 22.07 11.11 -15.06
CA PRO B 169 23.10 12.10 -14.73
C PRO B 169 24.40 11.77 -15.46
N GLU B 170 25.17 12.81 -15.81
CA GLU B 170 26.39 12.61 -16.57
C GLU B 170 27.33 11.58 -15.95
N LYS B 171 27.57 11.69 -14.65
CA LYS B 171 28.53 10.78 -14.03
C LYS B 171 28.04 9.34 -14.06
N THR B 172 26.73 9.16 -13.92
CA THR B 172 26.17 7.82 -13.93
C THR B 172 26.25 7.21 -15.34
N LEU B 173 25.91 8.01 -16.34
CA LEU B 173 26.02 7.59 -17.73
C LEU B 173 27.46 7.15 -18.08
N LYS B 174 28.44 7.97 -17.69
N LYS B 174 28.44 7.96 -17.69
CA LYS B 174 29.84 7.65 -17.97
CA LYS B 174 29.83 7.65 -17.98
C LYS B 174 30.26 6.38 -17.26
C LYS B 174 30.27 6.38 -17.25
N PHE B 175 29.87 6.24 -16.00
CA PHE B 175 30.20 5.04 -15.23
C PHE B 175 29.65 3.79 -15.92
N LEU B 176 28.40 3.84 -16.36
CA LEU B 176 27.80 2.70 -17.06
C LEU B 176 28.49 2.38 -18.39
N ARG B 177 28.91 3.40 -19.13
CA ARG B 177 29.64 3.17 -20.36
C ARG B 177 30.96 2.45 -20.04
N ASN B 178 31.60 2.85 -18.95
CA ASN B 178 32.89 2.29 -18.56
C ASN B 178 32.80 0.91 -17.89
N ASN B 179 31.60 0.55 -17.45
CA ASN B 179 31.35 -0.70 -16.75
C ASN B 179 30.19 -1.40 -17.45
N GLN B 180 30.29 -1.45 -18.76
CA GLN B 180 29.20 -1.91 -19.64
C GLN B 180 28.44 -3.10 -19.06
N PRO B 181 27.18 -2.90 -18.68
CA PRO B 181 26.43 -4.05 -18.17
C PRO B 181 26.03 -5.02 -19.29
N GLN B 182 26.10 -6.32 -19.03
CA GLN B 182 25.62 -7.30 -19.99
C GLN B 182 24.10 -7.23 -20.13
N VAL B 183 23.44 -6.82 -19.05
CA VAL B 183 22.00 -6.62 -19.07
C VAL B 183 21.67 -5.38 -18.25
N MET B 184 20.77 -4.55 -18.79
CA MET B 184 20.28 -3.37 -18.08
C MET B 184 18.77 -3.45 -18.00
N VAL B 185 18.24 -3.39 -16.79
CA VAL B 185 16.80 -3.26 -16.56
C VAL B 185 16.52 -1.78 -16.37
N MET B 186 15.76 -1.18 -17.27
CA MET B 186 15.66 0.28 -17.30
C MET B 186 14.24 0.78 -17.33
N ASP B 187 13.97 1.82 -16.54
CA ASP B 187 12.70 2.54 -16.60
C ASP B 187 12.42 2.99 -18.02
N CYS B 188 11.32 2.52 -18.59
CA CYS B 188 10.83 3.10 -19.85
C CYS B 188 9.32 3.15 -19.71
N SER B 189 8.85 4.14 -18.97
N SER B 189 8.84 4.13 -18.97
CA SER B 189 7.43 4.25 -18.68
CA SER B 189 7.41 4.21 -18.72
C SER B 189 6.61 4.56 -19.93
C SER B 189 6.62 4.51 -19.99
N HIS B 190 7.21 5.33 -20.85
CA HIS B 190 6.45 5.94 -21.93
C HIS B 190 6.82 5.42 -23.31
N PRO B 191 5.82 5.39 -24.20
CA PRO B 191 6.09 5.13 -25.61
C PRO B 191 6.97 6.27 -26.17
N PRO B 192 7.56 6.07 -27.36
CA PRO B 192 8.46 7.09 -27.91
C PRO B 192 7.75 8.43 -28.07
N ARG B 193 8.39 9.48 -27.60
CA ARG B 193 7.81 10.84 -27.61
C ARG B 193 8.74 11.79 -28.33
N ALA B 194 8.18 12.91 -28.78
CA ALA B 194 8.97 13.93 -29.44
C ALA B 194 9.91 14.67 -28.49
N ASP B 195 9.59 14.66 -27.20
CA ASP B 195 10.40 15.31 -26.17
C ASP B 195 10.59 14.36 -25.01
N ALA B 196 11.77 14.41 -24.40
CA ALA B 196 12.06 13.55 -23.26
C ALA B 196 11.21 13.98 -22.06
N PRO B 197 10.41 13.06 -21.52
CA PRO B 197 9.59 13.36 -20.33
C PRO B 197 10.44 13.62 -19.08
N ARG B 198 9.88 14.29 -18.09
CA ARG B 198 10.64 14.77 -16.93
C ARG B 198 11.09 13.76 -15.84
N ASN B 199 10.25 12.79 -15.53
N ASN B 199 10.25 12.78 -15.54
CA ASN B 199 10.51 11.91 -14.38
CA ASN B 199 10.52 11.90 -14.40
C ASN B 199 10.80 10.46 -14.74
C ASN B 199 10.79 10.45 -14.75
N HIS B 200 10.49 10.08 -15.98
CA HIS B 200 10.66 8.72 -16.46
C HIS B 200 11.03 8.79 -17.92
N CYS B 201 11.84 7.84 -18.36
CA CYS B 201 12.22 7.76 -19.76
C CYS B 201 11.05 7.39 -20.66
N ASP B 202 11.11 7.89 -21.89
CA ASP B 202 10.36 7.30 -22.99
C ASP B 202 11.33 6.44 -23.81
N LEU B 203 10.81 5.69 -24.79
CA LEU B 203 11.66 4.82 -25.58
C LEU B 203 12.81 5.57 -26.27
N ASN B 204 12.55 6.76 -26.80
CA ASN B 204 13.61 7.48 -27.48
C ASN B 204 14.77 7.84 -26.54
N THR B 205 14.45 8.19 -25.29
CA THR B 205 15.50 8.47 -24.32
C THR B 205 16.31 7.22 -24.01
N VAL B 206 15.64 6.07 -23.84
CA VAL B 206 16.36 4.82 -23.62
C VAL B 206 17.32 4.50 -24.79
N LEU B 207 16.82 4.67 -26.01
CA LEU B 207 17.67 4.46 -27.18
C LEU B 207 18.89 5.38 -27.17
N ALA B 208 18.67 6.65 -26.86
CA ALA B 208 19.77 7.61 -26.80
C ALA B 208 20.79 7.21 -25.72
N LEU B 209 20.30 6.79 -24.55
CA LEU B 209 21.21 6.40 -23.49
C LEU B 209 22.04 5.19 -23.85
N ASN B 210 21.42 4.19 -24.47
CA ASN B 210 22.17 2.97 -24.79
C ASN B 210 23.09 3.11 -26.00
N GLN B 211 22.92 4.17 -26.77
CA GLN B 211 23.87 4.44 -27.83
C GLN B 211 25.21 4.88 -27.21
N VAL B 212 25.16 5.32 -25.96
CA VAL B 212 26.35 5.64 -25.19
C VAL B 212 26.86 4.45 -24.36
N ILE B 213 25.93 3.77 -23.68
CA ILE B 213 26.30 2.67 -22.77
C ILE B 213 26.61 1.39 -23.53
N ARG B 214 25.86 1.13 -24.59
CA ARG B 214 26.07 -0.04 -25.45
C ARG B 214 25.92 -1.38 -24.72
N SER B 215 24.95 -1.46 -23.82
CA SER B 215 24.65 -2.76 -23.24
C SER B 215 23.98 -3.61 -24.32
N PRO B 216 24.38 -4.88 -24.44
CA PRO B 216 23.83 -5.78 -25.47
C PRO B 216 22.41 -6.28 -25.18
N ARG B 217 21.91 -6.07 -23.97
CA ARG B 217 20.56 -6.51 -23.66
C ARG B 217 19.88 -5.54 -22.71
N VAL B 218 18.93 -4.78 -23.23
CA VAL B 218 18.17 -3.82 -22.42
C VAL B 218 16.75 -4.33 -22.26
N ILE B 219 16.34 -4.49 -21.00
CA ILE B 219 15.00 -4.93 -20.65
C ILE B 219 14.24 -3.76 -20.06
N LEU B 220 13.14 -3.38 -20.73
CA LEU B 220 12.36 -2.22 -20.32
C LEU B 220 11.38 -2.59 -19.21
N THR B 221 11.28 -1.71 -18.20
CA THR B 221 10.33 -1.93 -17.12
C THR B 221 9.65 -0.64 -16.70
N HIS B 222 8.83 -0.71 -15.65
CA HIS B 222 8.03 0.42 -15.18
C HIS B 222 7.12 0.91 -16.29
N ILE B 223 6.54 -0.05 -17.00
N ILE B 223 6.61 -0.03 -17.07
CA ILE B 223 5.80 0.16 -18.25
CA ILE B 223 5.84 0.26 -18.27
C ILE B 223 4.35 0.65 -18.04
C ILE B 223 4.44 0.76 -17.92
N SER B 224 3.99 1.78 -18.64
CA SER B 224 2.62 2.29 -18.52
C SER B 224 1.69 1.62 -19.52
N HIS B 225 0.39 1.69 -19.27
CA HIS B 225 -0.56 1.10 -20.20
C HIS B 225 -0.48 1.71 -21.60
N GLN B 226 -0.14 3.01 -21.70
CA GLN B 226 -0.02 3.64 -23.01
C GLN B 226 1.15 3.01 -23.77
N PHE B 227 2.23 2.69 -23.06
CA PHE B 227 3.36 2.06 -23.76
C PHE B 227 2.97 0.65 -24.17
N ASP B 228 2.28 -0.09 -23.30
CA ASP B 228 1.79 -1.41 -23.70
C ASP B 228 0.91 -1.33 -24.95
N ALA B 229 0.03 -0.35 -25.01
CA ALA B 229 -0.81 -0.19 -26.18
C ALA B 229 0.03 0.04 -27.44
N TRP B 230 1.09 0.84 -27.32
CA TRP B 230 1.99 1.09 -28.44
C TRP B 230 2.71 -0.21 -28.84
N LEU B 231 3.17 -0.96 -27.85
CA LEU B 231 3.89 -2.21 -28.08
C LEU B 231 3.02 -3.27 -28.73
N MET B 232 1.71 -3.16 -28.57
CA MET B 232 0.82 -4.11 -29.24
C MET B 232 0.80 -3.93 -30.75
N GLU B 233 1.24 -2.78 -31.22
CA GLU B 233 1.23 -2.48 -32.66
C GLU B 233 2.61 -2.16 -33.24
N ASN B 234 3.62 -2.07 -32.39
CA ASN B 234 4.95 -1.66 -32.85
C ASN B 234 6.05 -2.49 -32.20
N ALA B 235 7.06 -2.87 -32.98
CA ALA B 235 8.15 -3.69 -32.47
C ALA B 235 9.28 -2.83 -31.91
N LEU B 236 9.94 -3.36 -30.88
CA LEU B 236 11.17 -2.75 -30.36
C LEU B 236 12.34 -3.10 -31.27
N PRO B 237 13.35 -2.22 -31.34
CA PRO B 237 14.55 -2.56 -32.10
C PRO B 237 15.29 -3.72 -31.45
N SER B 238 16.14 -4.39 -32.22
N SER B 238 16.12 -4.42 -32.21
CA SER B 238 16.96 -5.49 -31.72
CA SER B 238 16.87 -5.54 -31.67
C SER B 238 17.78 -5.03 -30.53
C SER B 238 17.75 -5.05 -30.53
N GLY B 239 17.89 -5.89 -29.52
CA GLY B 239 18.69 -5.56 -28.34
C GLY B 239 17.87 -4.95 -27.22
N PHE B 240 16.57 -4.75 -27.46
CA PHE B 240 15.64 -4.22 -26.47
C PHE B 240 14.47 -5.17 -26.35
N GLU B 241 14.08 -5.48 -25.12
CA GLU B 241 12.91 -6.31 -24.92
C GLU B 241 12.07 -5.73 -23.81
N VAL B 242 10.79 -6.04 -23.82
N VAL B 242 10.78 -6.05 -23.83
CA VAL B 242 9.93 -5.56 -22.75
CA VAL B 242 9.88 -5.59 -22.77
C VAL B 242 9.87 -6.58 -21.63
C VAL B 242 9.87 -6.59 -21.62
N GLY B 243 10.10 -6.10 -20.41
CA GLY B 243 9.99 -6.93 -19.23
C GLY B 243 8.54 -7.32 -19.01
N PHE B 244 8.35 -8.34 -18.17
CA PHE B 244 7.01 -8.76 -17.77
C PHE B 244 7.08 -9.34 -16.36
N ASP B 245 5.94 -9.35 -15.68
CA ASP B 245 5.92 -9.84 -14.32
C ASP B 245 6.29 -11.33 -14.31
N GLY B 246 7.26 -11.70 -13.50
CA GLY B 246 7.71 -13.08 -13.42
C GLY B 246 8.87 -13.42 -14.34
N MET B 247 9.31 -12.47 -15.15
CA MET B 247 10.46 -12.70 -16.03
C MET B 247 11.71 -13.09 -15.24
N GLU B 248 12.41 -14.12 -15.72
N GLU B 248 12.41 -14.13 -15.70
CA GLU B 248 13.65 -14.59 -15.10
CA GLU B 248 13.65 -14.57 -15.07
C GLU B 248 14.85 -14.19 -15.95
C GLU B 248 14.84 -14.19 -15.94
N ILE B 249 15.85 -13.58 -15.32
CA ILE B 249 17.02 -13.11 -16.05
C ILE B 249 18.26 -13.78 -15.49
N GLY B 250 19.05 -14.40 -16.36
CA GLY B 250 20.31 -15.01 -15.97
C GLY B 250 21.49 -14.28 -16.58
N VAL B 251 22.70 -14.62 -16.10
CA VAL B 251 23.93 -14.04 -16.63
C VAL B 251 24.89 -15.13 -17.11
V VO4 C . -2.75 2.53 14.38
O1 VO4 C . -3.44 4.22 14.92
O2 VO4 C . -4.08 1.36 13.69
O3 VO4 C . -1.41 2.80 13.05
O4 VO4 C . -1.96 1.72 15.92
MN MN D . -4.75 5.25 13.52
MN MN E . -5.66 1.97 12.58
ZN ZN F . 0.41 -13.62 16.61
V VO4 G . 6.46 7.38 -10.15
O1 VO4 G . 6.58 5.58 -10.65
O2 VO4 G . 5.29 7.52 -8.68
O3 VO4 G . 8.07 8.22 -9.71
O4 VO4 G . 5.73 8.40 -11.58
MN MN H . 7.88 4.38 -9.66
MN MN I . 9.32 7.26 -8.41
ZN ZN J . -5.42 1.31 -20.36
#